data_5GWN
#
_entry.id   5GWN
#
_cell.length_a   94.447
_cell.length_b   84.056
_cell.length_c   60.671
_cell.angle_alpha   90.00
_cell.angle_beta   101.57
_cell.angle_gamma   90.00
#
_symmetry.space_group_name_H-M   'C 1 2 1'
#
loop_
_entity.id
_entity.type
_entity.pdbx_description
1 polymer 'Protein RCC2'
2 non-polymer 'SULFATE ION'
3 water water
#
_entity_poly.entity_id   1
_entity_poly.type   'polypeptide(L)'
_entity_poly.pdbx_seq_one_letter_code
;GAMGSEHTKERVKLEGSKCKGQLLIFGATNWDLIGRKEVPKQQAAYRNLGQNLWGPHRYGCLAGVRVRTVVSGSCAAHSL
LITTEGKLWSWGRNEKGQLGHGDTKRVEAPRLIEGLSHEVIVSAACGRNHTLALTETGSVFAFGENKMGQLGLGNQTDAV
PSPAQIMYNGQPITKMACGAEFSMIMDCKGNLYSFGCPEYGQLGHNSDGKFIARAQRIEYDCELVPRRVAIFIEKTKDGQ
ILPVPNVVVRDVACGANHTLVLDSQKRVFSWGFGGYGRLGHAEQKDEMVPRLVKLFDFPGRGASQIYAGYTCSFAVSEVG
GLFFWGATNTSRESTMYPKAVQDLCGWRIRSLACGKSSIIVAADESTISWGPSPTFGELGYGDHKPKSSTAAQEVKTLDG
IFSEQVAMGYSHSLVIARDESETEKEKIKKLPEYNPRTL
;
_entity_poly.pdbx_strand_id   A
#
loop_
_chem_comp.id
_chem_comp.type
_chem_comp.name
_chem_comp.formula
SO4 non-polymer 'SULFATE ION' 'O4 S -2'
#
# COMPACT_ATOMS: atom_id res chain seq x y z
N HIS A 7 -15.36 -4.19 -26.77
CA HIS A 7 -16.25 -5.29 -26.48
C HIS A 7 -15.66 -6.69 -26.75
N THR A 8 -14.60 -6.73 -27.53
CA THR A 8 -13.74 -7.88 -27.54
C THR A 8 -13.01 -7.89 -26.20
N LYS A 9 -12.95 -9.03 -25.51
CA LYS A 9 -12.19 -9.08 -24.29
C LYS A 9 -10.70 -9.13 -24.61
N GLU A 10 -9.98 -8.17 -24.09
CA GLU A 10 -8.54 -8.09 -24.30
C GLU A 10 -7.84 -9.21 -23.56
N ARG A 11 -6.72 -9.66 -24.11
CA ARG A 11 -5.89 -10.69 -23.49
C ARG A 11 -4.60 -10.00 -23.12
N VAL A 12 -4.14 -10.22 -21.91
CA VAL A 12 -2.91 -9.60 -21.46
C VAL A 12 -1.93 -10.66 -21.00
N LYS A 13 -0.66 -10.33 -21.15
CA LYS A 13 0.38 -11.03 -20.44
C LYS A 13 1.22 -10.01 -19.74
N LEU A 14 0.94 -9.83 -18.46
CA LEU A 14 1.58 -8.77 -17.71
C LEU A 14 2.95 -9.20 -17.26
N GLU A 15 3.92 -8.31 -17.43
CA GLU A 15 5.25 -8.54 -16.92
C GLU A 15 5.28 -8.15 -15.45
N GLY A 16 6.12 -8.80 -14.68
CA GLY A 16 6.29 -8.40 -13.30
C GLY A 16 7.20 -7.19 -13.24
N SER A 17 7.51 -6.79 -12.02
CA SER A 17 8.50 -5.76 -11.76
C SER A 17 9.84 -6.12 -12.36
N LYS A 18 10.59 -5.11 -12.77
CA LYS A 18 11.93 -5.31 -13.30
C LYS A 18 12.98 -5.28 -12.19
N CYS A 19 12.54 -5.02 -10.97
CA CYS A 19 13.45 -4.99 -9.82
C CYS A 19 13.97 -6.39 -9.53
N LYS A 20 15.18 -6.48 -9.00
CA LYS A 20 15.76 -7.74 -8.56
C LYS A 20 16.72 -7.45 -7.41
N GLY A 21 16.52 -8.10 -6.27
CA GLY A 21 17.40 -7.87 -5.15
C GLY A 21 17.03 -8.69 -3.94
N GLN A 22 17.53 -8.27 -2.79
CA GLN A 22 17.21 -8.95 -1.55
C GLN A 22 16.28 -8.10 -0.70
N LEU A 23 15.36 -8.76 -0.01
CA LEU A 23 14.45 -8.09 0.90
CA LEU A 23 14.45 -8.09 0.90
C LEU A 23 15.15 -7.68 2.20
N LEU A 24 14.92 -6.44 2.62
CA LEU A 24 15.31 -6.00 3.94
C LEU A 24 14.04 -5.56 4.69
N ILE A 25 14.02 -5.82 5.99
CA ILE A 25 12.89 -5.42 6.82
C ILE A 25 13.39 -4.62 8.02
N PHE A 26 12.58 -3.65 8.45
CA PHE A 26 12.85 -2.93 9.68
C PHE A 26 11.54 -2.40 10.25
N GLY A 27 11.48 -2.17 11.55
CA GLY A 27 10.23 -1.81 12.20
C GLY A 27 9.66 -2.93 13.06
N ALA A 28 8.38 -2.87 13.35
CA ALA A 28 7.74 -3.82 14.25
C ALA A 28 7.56 -5.18 13.61
N THR A 29 7.96 -6.23 14.30
CA THR A 29 7.74 -7.59 13.80
C THR A 29 6.97 -8.49 14.77
N ASN A 30 6.50 -7.95 15.89
CA ASN A 30 5.51 -8.68 16.65
C ASN A 30 4.17 -8.41 15.97
N TRP A 31 3.80 -9.30 15.07
CA TRP A 31 2.69 -9.05 14.17
C TRP A 31 1.36 -8.84 14.88
N ASP A 32 1.18 -9.48 16.03
CA ASP A 32 -0.08 -9.40 16.75
C ASP A 32 -0.19 -8.17 17.63
N LEU A 33 0.94 -7.50 17.87
CA LEU A 33 0.98 -6.33 18.74
C LEU A 33 0.81 -5.01 17.98
N ILE A 34 1.10 -5.02 16.67
CA ILE A 34 1.09 -3.80 15.87
C ILE A 34 -0.25 -3.05 16.00
N GLY A 35 -0.16 -1.75 16.32
CA GLY A 35 -1.33 -0.91 16.47
C GLY A 35 -2.17 -1.17 17.71
N ARG A 36 -1.62 -1.93 18.66
CA ARG A 36 -2.35 -2.32 19.86
C ARG A 36 -1.51 -2.11 21.12
N LYS A 37 -2.17 -1.93 22.26
CA LYS A 37 -1.45 -1.81 23.52
C LYS A 37 -0.89 -3.16 23.95
N GLU A 38 -1.64 -4.22 23.62
CA GLU A 38 -1.23 -5.59 23.92
C GLU A 38 -1.79 -6.53 22.85
N VAL A 39 -1.23 -7.73 22.74
CA VAL A 39 -1.77 -8.71 21.80
C VAL A 39 -3.14 -9.18 22.27
N PRO A 40 -4.01 -9.56 21.33
CA PRO A 40 -5.32 -10.11 21.70
C PRO A 40 -5.14 -11.33 22.60
N LYS A 41 -6.12 -11.58 23.46
CA LYS A 41 -6.05 -12.70 24.40
C LYS A 41 -5.77 -14.02 23.68
N GLN A 42 -6.39 -14.19 22.52
CA GLN A 42 -6.22 -15.40 21.71
C GLN A 42 -4.77 -15.60 21.25
N GLN A 43 -4.01 -14.50 21.19
CA GLN A 43 -2.62 -14.58 20.74
C GLN A 43 -1.64 -14.46 21.89
N ALA A 44 -2.09 -14.74 23.12
CA ALA A 44 -1.26 -14.54 24.30
C ALA A 44 0.09 -15.26 24.24
N ALA A 45 0.12 -16.43 23.61
CA ALA A 45 1.36 -17.18 23.47
C ALA A 45 2.40 -16.41 22.66
N TYR A 46 1.94 -15.46 21.85
CA TYR A 46 2.83 -14.71 20.96
C TYR A 46 3.18 -13.33 21.51
N ARG A 47 2.81 -13.06 22.75
CA ARG A 47 3.00 -11.73 23.33
C ARG A 47 4.46 -11.25 23.29
N ASN A 48 5.40 -12.19 23.30
CA ASN A 48 6.82 -11.86 23.22
C ASN A 48 7.51 -12.35 21.94
N LEU A 49 6.72 -12.76 20.95
CA LEU A 49 7.30 -13.22 19.70
C LEU A 49 7.42 -12.04 18.75
N GLY A 50 8.62 -11.83 18.22
CA GLY A 50 8.87 -10.70 17.36
C GLY A 50 9.45 -9.56 18.15
N GLN A 51 10.07 -8.61 17.46
CA GLN A 51 10.69 -7.48 18.12
C GLN A 51 10.74 -6.30 17.19
N ASN A 52 10.97 -5.14 17.77
CA ASN A 52 11.21 -3.94 16.98
C ASN A 52 12.61 -3.97 16.42
N LEU A 53 12.71 -3.98 15.09
CA LEU A 53 14.00 -3.99 14.42
C LEU A 53 14.36 -2.55 14.07
N TRP A 54 15.29 -1.97 14.83
CA TRP A 54 15.56 -0.54 14.67
C TRP A 54 16.36 -0.20 13.42
N GLY A 55 17.10 -1.19 12.91
CA GLY A 55 17.83 -1.05 11.67
C GLY A 55 17.49 -2.20 10.73
N PRO A 56 17.85 -2.08 9.45
CA PRO A 56 17.50 -3.10 8.45
C PRO A 56 18.09 -4.47 8.70
N HIS A 57 17.26 -5.48 8.53
CA HIS A 57 17.66 -6.88 8.63
C HIS A 57 17.33 -7.64 7.37
N ARG A 58 18.08 -8.72 7.11
CA ARG A 58 17.69 -9.73 6.14
C ARG A 58 16.90 -10.82 6.87
N TYR A 59 16.15 -11.62 6.11
CA TYR A 59 15.59 -12.86 6.65
C TYR A 59 16.49 -14.03 6.25
N GLY A 60 16.85 -14.87 7.22
CA GLY A 60 17.58 -16.08 6.92
C GLY A 60 16.86 -17.01 5.96
N CYS A 61 15.53 -17.05 6.07
CA CYS A 61 14.75 -17.95 5.23
C CYS A 61 14.74 -17.53 3.76
N LEU A 62 15.29 -16.35 3.47
CA LEU A 62 15.32 -15.86 2.10
C LEU A 62 16.68 -16.02 1.43
N ALA A 63 17.55 -16.80 2.05
CA ALA A 63 18.85 -17.11 1.44
C ALA A 63 18.63 -17.70 0.05
N GLY A 64 19.25 -17.09 -0.95
CA GLY A 64 19.12 -17.56 -2.32
C GLY A 64 17.81 -17.21 -3.00
N VAL A 65 16.94 -16.50 -2.29
CA VAL A 65 15.67 -16.05 -2.89
C VAL A 65 15.82 -14.63 -3.42
N ARG A 66 15.61 -14.46 -4.72
CA ARG A 66 15.67 -13.13 -5.34
C ARG A 66 14.26 -12.55 -5.45
N VAL A 67 14.10 -11.31 -5.00
CA VAL A 67 12.80 -10.67 -4.89
C VAL A 67 12.64 -9.55 -5.93
N ARG A 68 11.48 -9.50 -6.58
CA ARG A 68 11.18 -8.43 -7.53
C ARG A 68 10.14 -7.43 -7.03
N THR A 69 9.34 -7.84 -6.04
CA THR A 69 8.32 -6.96 -5.47
C THR A 69 8.17 -7.23 -3.99
N VAL A 70 8.06 -6.17 -3.20
CA VAL A 70 7.68 -6.30 -1.79
C VAL A 70 6.37 -5.55 -1.59
N VAL A 71 5.49 -6.12 -0.75
CA VAL A 71 4.13 -5.63 -0.63
C VAL A 71 3.70 -5.55 0.82
N SER A 72 3.12 -4.42 1.21
CA SER A 72 2.29 -4.37 2.40
C SER A 72 1.25 -3.29 2.13
N GLY A 73 0.65 -2.75 3.18
CA GLY A 73 -0.32 -1.68 2.99
C GLY A 73 -0.32 -0.87 4.25
N SER A 74 -0.70 0.40 4.16
CA SER A 74 -0.62 1.30 5.32
CA SER A 74 -0.60 1.29 5.33
C SER A 74 -1.42 0.81 6.52
N CYS A 75 -2.45 -0.01 6.28
CA CYS A 75 -3.31 -0.50 7.34
C CYS A 75 -2.90 -1.86 7.87
N ALA A 76 -1.88 -2.45 7.26
CA ALA A 76 -1.62 -3.89 7.43
C ALA A 76 -0.53 -4.23 8.44
N ALA A 77 -0.69 -5.40 9.05
CA ALA A 77 0.33 -6.03 9.87
C ALA A 77 0.74 -7.36 9.23
N HIS A 78 0.62 -7.43 7.91
CA HIS A 78 1.12 -8.55 7.12
C HIS A 78 1.81 -8.04 5.87
N SER A 79 2.56 -8.92 5.20
CA SER A 79 3.40 -8.58 4.06
C SER A 79 3.41 -9.70 3.04
N LEU A 80 3.73 -9.35 1.81
CA LEU A 80 3.99 -10.35 0.78
C LEU A 80 5.22 -9.96 -0.01
N LEU A 81 5.78 -10.92 -0.74
CA LEU A 81 6.84 -10.64 -1.67
C LEU A 81 6.58 -11.50 -2.90
N ILE A 82 7.08 -11.05 -4.04
CA ILE A 82 7.05 -11.82 -5.27
C ILE A 82 8.49 -12.07 -5.69
N THR A 83 8.82 -13.35 -5.93
CA THR A 83 10.18 -13.69 -6.31
C THR A 83 10.40 -13.35 -7.78
N THR A 84 11.64 -13.45 -8.25
CA THR A 84 11.93 -13.20 -9.65
C THR A 84 11.32 -14.26 -10.58
N GLU A 85 10.80 -15.34 -10.00
CA GLU A 85 10.08 -16.38 -10.74
C GLU A 85 8.58 -16.13 -10.73
N GLY A 86 8.16 -15.04 -10.09
CA GLY A 86 6.75 -14.68 -10.02
C GLY A 86 5.98 -15.49 -8.99
N LYS A 87 6.69 -15.97 -7.97
CA LYS A 87 6.05 -16.73 -6.91
C LYS A 87 5.73 -15.84 -5.71
N LEU A 88 4.52 -15.95 -5.20
CA LEU A 88 4.03 -15.11 -4.12
C LEU A 88 4.22 -15.78 -2.76
N TRP A 89 4.89 -15.08 -1.85
CA TRP A 89 5.08 -15.53 -0.47
C TRP A 89 4.42 -14.53 0.47
N SER A 90 4.04 -14.98 1.66
CA SER A 90 3.43 -14.09 2.64
C SER A 90 3.82 -14.44 4.07
N TRP A 91 3.71 -13.47 4.96
CA TRP A 91 3.96 -13.67 6.38
C TRP A 91 3.40 -12.54 7.21
N GLY A 92 3.24 -12.78 8.52
CA GLY A 92 2.75 -11.75 9.42
C GLY A 92 1.45 -12.14 10.11
N ARG A 93 0.64 -11.13 10.44
CA ARG A 93 -0.63 -11.36 11.11
C ARG A 93 -1.56 -12.17 10.23
N ASN A 94 -2.32 -13.07 10.83
CA ASN A 94 -3.14 -13.98 10.04
C ASN A 94 -4.48 -14.30 10.69
N GLU A 95 -4.96 -13.40 11.53
CA GLU A 95 -6.16 -13.65 12.32
C GLU A 95 -7.35 -13.94 11.42
N LYS A 96 -7.41 -13.28 10.28
CA LYS A 96 -8.53 -13.42 9.34
C LYS A 96 -8.17 -14.19 8.07
N GLY A 97 -7.03 -14.86 8.08
CA GLY A 97 -6.61 -15.62 6.92
C GLY A 97 -5.95 -14.85 5.79
N GLN A 98 -5.53 -13.62 6.08
CA GLN A 98 -4.99 -12.72 5.08
C GLN A 98 -3.68 -13.18 4.43
N LEU A 99 -2.99 -14.13 5.05
CA LEU A 99 -1.80 -14.72 4.45
C LEU A 99 -2.05 -15.69 3.31
N GLY A 100 -3.25 -16.24 3.22
CA GLY A 100 -3.56 -17.16 2.16
C GLY A 100 -3.03 -18.58 2.31
N HIS A 101 -2.65 -18.94 3.52
CA HIS A 101 -2.08 -20.27 3.80
C HIS A 101 -3.09 -21.33 4.23
N GLY A 102 -4.35 -21.01 4.18
CA GLY A 102 -5.40 -21.98 4.47
C GLY A 102 -5.82 -22.12 5.91
N ASP A 103 -5.24 -21.33 6.78
CA ASP A 103 -5.58 -21.31 8.18
C ASP A 103 -5.53 -19.89 8.72
N THR A 104 -5.72 -19.71 10.01
CA THR A 104 -5.64 -18.41 10.63
C THR A 104 -4.48 -18.30 11.59
N LYS A 105 -3.42 -19.03 11.30
CA LYS A 105 -2.26 -19.04 12.16
C LYS A 105 -1.18 -18.08 11.69
N ARG A 106 -0.69 -17.29 12.63
CA ARG A 106 0.38 -16.33 12.38
C ARG A 106 1.60 -17.02 11.82
N VAL A 107 2.28 -16.38 10.88
CA VAL A 107 3.50 -16.91 10.28
C VAL A 107 4.62 -15.88 10.48
N GLU A 108 5.70 -16.29 11.12
CA GLU A 108 6.75 -15.35 11.52
C GLU A 108 7.54 -14.79 10.34
N ALA A 109 7.92 -15.67 9.41
CA ALA A 109 8.85 -15.33 8.33
C ALA A 109 8.28 -15.73 6.97
N PRO A 110 8.74 -15.08 5.89
CA PRO A 110 8.19 -15.29 4.55
C PRO A 110 8.01 -16.75 4.19
N ARG A 111 6.83 -17.10 3.66
CA ARG A 111 6.48 -18.46 3.31
C ARG A 111 5.69 -18.49 2.00
N LEU A 112 6.11 -19.34 1.08
CA LEU A 112 5.42 -19.54 -0.19
C LEU A 112 3.94 -19.90 0.02
N ILE A 113 3.06 -19.21 -0.69
CA ILE A 113 1.64 -19.52 -0.64
C ILE A 113 1.35 -20.69 -1.58
N GLU A 114 1.13 -21.87 -0.99
CA GLU A 114 0.94 -23.08 -1.78
C GLU A 114 -0.24 -22.96 -2.73
N GLY A 115 -1.32 -22.33 -2.26
CA GLY A 115 -2.52 -22.19 -3.05
C GLY A 115 -2.40 -21.36 -4.32
N LEU A 116 -1.30 -20.63 -4.47
CA LEU A 116 -1.08 -19.83 -5.68
C LEU A 116 0.23 -20.19 -6.39
N SER A 117 0.86 -21.27 -5.94
CA SER A 117 2.19 -21.64 -6.43
C SER A 117 2.21 -22.00 -7.92
N HIS A 118 1.05 -22.30 -8.49
CA HIS A 118 0.97 -22.60 -9.91
C HIS A 118 0.61 -21.39 -10.76
N GLU A 119 0.49 -20.23 -10.11
CA GLU A 119 0.21 -18.99 -10.81
C GLU A 119 1.46 -18.14 -10.89
N VAL A 120 1.53 -17.31 -11.92
CA VAL A 120 2.56 -16.29 -12.03
C VAL A 120 1.95 -14.98 -11.54
N ILE A 121 2.40 -14.52 -10.38
CA ILE A 121 1.84 -13.32 -9.78
C ILE A 121 2.68 -12.10 -10.12
N VAL A 122 2.04 -11.02 -10.54
CA VAL A 122 2.76 -9.83 -10.97
C VAL A 122 2.61 -8.66 -9.99
N SER A 123 1.54 -8.67 -9.19
CA SER A 123 1.31 -7.60 -8.21
CA SER A 123 1.38 -7.64 -8.16
C SER A 123 0.43 -8.13 -7.08
N ALA A 124 0.42 -7.41 -5.97
CA ALA A 124 -0.47 -7.73 -4.87
C ALA A 124 -0.78 -6.46 -4.10
N ALA A 125 -1.79 -6.52 -3.23
CA ALA A 125 -2.16 -5.39 -2.39
C ALA A 125 -2.73 -5.88 -1.07
N CYS A 126 -2.62 -5.07 -0.03
CA CYS A 126 -3.04 -5.45 1.31
C CYS A 126 -3.92 -4.40 1.93
N GLY A 127 -5.05 -4.83 2.48
CA GLY A 127 -5.87 -4.00 3.33
C GLY A 127 -5.55 -4.27 4.78
N ARG A 128 -6.45 -3.90 5.68
CA ARG A 128 -6.22 -4.11 7.10
C ARG A 128 -6.11 -5.59 7.42
N ASN A 129 -7.02 -6.37 6.84
CA ASN A 129 -7.13 -7.81 7.14
C ASN A 129 -7.36 -8.63 5.89
N HIS A 130 -7.02 -8.09 4.72
CA HIS A 130 -7.25 -8.80 3.47
C HIS A 130 -6.14 -8.56 2.46
N THR A 131 -6.12 -9.38 1.42
CA THR A 131 -5.09 -9.36 0.40
C THR A 131 -5.69 -9.67 -0.96
N LEU A 132 -5.19 -8.99 -2.00
CA LEU A 132 -5.49 -9.32 -3.39
C LEU A 132 -4.19 -9.66 -4.10
N ALA A 133 -4.24 -10.59 -5.05
CA ALA A 133 -3.07 -10.96 -5.85
C ALA A 133 -3.49 -11.02 -7.31
N LEU A 134 -2.65 -10.48 -8.17
CA LEU A 134 -2.94 -10.37 -9.59
C LEU A 134 -2.04 -11.29 -10.39
N THR A 135 -2.63 -12.15 -11.21
CA THR A 135 -1.85 -13.07 -12.06
C THR A 135 -1.43 -12.37 -13.35
N GLU A 136 -0.50 -12.99 -14.06
CA GLU A 136 -0.01 -12.43 -15.31
C GLU A 136 -1.08 -12.31 -16.40
N THR A 137 -2.16 -13.07 -16.25
CA THR A 137 -3.25 -13.05 -17.22
C THR A 137 -4.34 -12.05 -16.82
N GLY A 138 -4.14 -11.35 -15.71
CA GLY A 138 -5.08 -10.33 -15.30
C GLY A 138 -6.23 -10.81 -14.43
N SER A 139 -6.04 -11.95 -13.78
CA SER A 139 -7.05 -12.49 -12.87
C SER A 139 -6.69 -12.17 -11.42
N VAL A 140 -7.69 -11.85 -10.63
CA VAL A 140 -7.50 -11.46 -9.23
C VAL A 140 -7.95 -12.54 -8.28
N PHE A 141 -7.04 -12.91 -7.37
CA PHE A 141 -7.37 -13.80 -6.26
C PHE A 141 -7.41 -13.02 -4.96
N ALA A 142 -8.33 -13.38 -4.08
CA ALA A 142 -8.54 -12.66 -2.84
C ALA A 142 -8.53 -13.61 -1.66
N PHE A 143 -8.08 -13.10 -0.51
CA PHE A 143 -8.09 -13.90 0.71
C PHE A 143 -8.02 -13.02 1.94
N GLY A 144 -8.53 -13.54 3.06
CA GLY A 144 -8.55 -12.78 4.30
C GLY A 144 -9.96 -12.46 4.73
N GLU A 145 -10.10 -11.33 5.42
CA GLU A 145 -11.40 -10.94 5.94
C GLU A 145 -12.40 -10.61 4.83
N ASN A 146 -13.63 -11.12 4.95
CA ASN A 146 -14.65 -10.81 3.96
C ASN A 146 -15.95 -10.34 4.61
N LYS A 147 -15.86 -9.84 5.84
CA LYS A 147 -17.03 -9.39 6.59
C LYS A 147 -17.78 -8.30 5.85
N MET A 148 -17.04 -7.46 5.13
CA MET A 148 -17.63 -6.35 4.38
C MET A 148 -17.68 -6.60 2.88
N GLY A 149 -17.41 -7.83 2.43
CA GLY A 149 -17.41 -8.12 1.01
C GLY A 149 -16.17 -7.63 0.28
N GLN A 150 -15.12 -7.29 1.03
CA GLN A 150 -13.91 -6.71 0.42
C GLN A 150 -13.11 -7.70 -0.43
N LEU A 151 -13.50 -8.97 -0.42
CA LEU A 151 -12.84 -9.96 -1.27
C LEU A 151 -13.54 -10.09 -2.62
N GLY A 152 -14.72 -9.51 -2.76
CA GLY A 152 -15.40 -9.51 -4.06
C GLY A 152 -15.83 -10.88 -4.55
N LEU A 153 -16.25 -11.74 -3.62
CA LEU A 153 -16.59 -13.13 -3.94
C LEU A 153 -18.09 -13.35 -4.06
N GLY A 154 -18.88 -12.30 -3.83
CA GLY A 154 -20.32 -12.40 -3.98
C GLY A 154 -21.07 -12.67 -2.69
N ASN A 155 -20.36 -12.68 -1.57
CA ASN A 155 -21.00 -12.91 -0.28
C ASN A 155 -20.23 -12.24 0.85
N GLN A 156 -20.59 -12.56 2.09
CA GLN A 156 -19.92 -12.05 3.29
C GLN A 156 -19.60 -13.19 4.23
N THR A 157 -18.34 -13.32 4.60
CA THR A 157 -17.89 -14.33 5.55
C THR A 157 -16.77 -13.72 6.38
N ASP A 158 -16.60 -14.15 7.62
CA ASP A 158 -15.62 -13.51 8.49
C ASP A 158 -14.17 -13.68 7.98
N ALA A 159 -13.83 -14.89 7.53
CA ALA A 159 -12.46 -15.19 7.12
C ALA A 159 -12.44 -16.20 5.98
N VAL A 160 -11.67 -15.90 4.94
CA VAL A 160 -11.49 -16.77 3.79
C VAL A 160 -9.99 -17.02 3.63
N PRO A 161 -9.46 -18.05 4.32
CA PRO A 161 -8.02 -18.22 4.43
C PRO A 161 -7.32 -18.82 3.21
N SER A 162 -8.07 -19.31 2.24
CA SER A 162 -7.50 -19.86 1.02
C SER A 162 -7.81 -18.95 -0.15
N PRO A 163 -6.81 -18.64 -0.99
CA PRO A 163 -7.02 -17.72 -2.12
C PRO A 163 -8.15 -18.17 -3.04
N ALA A 164 -9.04 -17.25 -3.37
CA ALA A 164 -10.16 -17.53 -4.25
C ALA A 164 -10.29 -16.45 -5.31
N GLN A 165 -10.57 -16.86 -6.55
CA GLN A 165 -10.73 -15.91 -7.63
C GLN A 165 -11.99 -15.08 -7.43
N ILE A 166 -11.89 -13.78 -7.67
CA ILE A 166 -13.02 -12.90 -7.46
C ILE A 166 -14.13 -13.14 -8.48
N MET A 167 -15.34 -12.71 -8.13
CA MET A 167 -16.50 -12.87 -9.00
C MET A 167 -16.55 -11.68 -9.96
N TYR A 168 -15.95 -11.85 -11.12
CA TYR A 168 -15.73 -10.76 -12.05
C TYR A 168 -15.47 -11.33 -13.44
N ASN A 169 -16.21 -10.84 -14.44
CA ASN A 169 -16.14 -11.38 -15.79
C ASN A 169 -15.85 -10.33 -16.87
N GLY A 170 -15.22 -9.22 -16.47
CA GLY A 170 -14.95 -8.14 -17.39
C GLY A 170 -13.58 -8.20 -18.02
N GLN A 171 -13.11 -7.07 -18.51
CA GLN A 171 -11.77 -6.96 -19.08
C GLN A 171 -10.72 -7.26 -18.00
N PRO A 172 -9.56 -7.83 -18.39
CA PRO A 172 -8.57 -8.23 -17.40
C PRO A 172 -8.04 -7.05 -16.58
N ILE A 173 -7.70 -7.36 -15.33
CA ILE A 173 -7.23 -6.37 -14.38
C ILE A 173 -5.73 -6.16 -14.50
N THR A 174 -5.28 -4.91 -14.41
CA THR A 174 -3.85 -4.60 -14.49
C THR A 174 -3.27 -3.88 -13.27
N LYS A 175 -4.13 -3.29 -12.43
CA LYS A 175 -3.68 -2.65 -11.19
C LYS A 175 -4.74 -2.82 -10.11
N MET A 176 -4.32 -2.81 -8.85
CA MET A 176 -5.22 -3.01 -7.71
C MET A 176 -4.77 -2.16 -6.55
N ALA A 177 -5.69 -1.90 -5.62
CA ALA A 177 -5.35 -1.27 -4.34
C ALA A 177 -6.36 -1.70 -3.30
N CYS A 178 -5.98 -1.62 -2.02
CA CYS A 178 -6.89 -1.97 -0.93
C CYS A 178 -6.87 -0.91 0.13
N GLY A 179 -8.07 -0.51 0.56
CA GLY A 179 -8.25 0.28 1.76
C GLY A 179 -8.38 -0.65 2.95
N ALA A 180 -8.78 -0.12 4.10
CA ALA A 180 -8.86 -0.95 5.29
C ALA A 180 -9.83 -2.10 5.10
N GLU A 181 -11.02 -1.80 4.57
CA GLU A 181 -12.12 -2.76 4.43
C GLU A 181 -12.77 -2.69 3.05
N PHE A 182 -12.00 -2.24 2.05
CA PHE A 182 -12.50 -2.20 0.68
C PHE A 182 -11.37 -2.40 -0.33
N SER A 183 -11.75 -2.58 -1.58
CA SER A 183 -10.82 -2.89 -2.66
C SER A 183 -11.16 -2.12 -3.91
N MET A 184 -10.11 -1.86 -4.70
CA MET A 184 -10.19 -1.17 -5.98
C MET A 184 -9.44 -2.00 -7.01
N ILE A 185 -10.05 -2.23 -8.17
CA ILE A 185 -9.37 -2.92 -9.27
C ILE A 185 -9.56 -2.13 -10.56
N MET A 186 -8.49 -2.04 -11.35
CA MET A 186 -8.47 -1.23 -12.55
C MET A 186 -8.22 -2.17 -13.72
N ASP A 187 -9.07 -2.10 -14.74
CA ASP A 187 -8.86 -2.98 -15.90
C ASP A 187 -7.94 -2.38 -16.96
N CYS A 188 -7.66 -3.18 -17.98
CA CYS A 188 -6.70 -2.79 -19.00
C CYS A 188 -7.20 -1.65 -19.89
N LYS A 189 -8.49 -1.33 -19.79
CA LYS A 189 -9.08 -0.25 -20.57
C LYS A 189 -9.18 1.04 -19.76
N GLY A 190 -8.79 0.96 -18.49
CA GLY A 190 -8.87 2.11 -17.62
C GLY A 190 -10.18 2.30 -16.88
N ASN A 191 -11.04 1.28 -16.91
CA ASN A 191 -12.22 1.27 -16.06
C ASN A 191 -11.81 0.93 -14.64
N LEU A 192 -12.55 1.46 -13.67
CA LEU A 192 -12.28 1.22 -12.26
C LEU A 192 -13.48 0.59 -11.60
N TYR A 193 -13.24 -0.39 -10.73
CA TYR A 193 -14.31 -1.08 -10.01
C TYR A 193 -13.93 -1.16 -8.55
N SER A 194 -14.93 -1.08 -7.68
CA SER A 194 -14.69 -1.14 -6.25
C SER A 194 -15.64 -2.12 -5.57
N PHE A 195 -15.22 -2.62 -4.43
CA PHE A 195 -16.03 -3.55 -3.65
C PHE A 195 -15.65 -3.51 -2.19
N GLY A 196 -16.59 -3.91 -1.34
CA GLY A 196 -16.37 -3.94 0.08
C GLY A 196 -17.23 -2.96 0.86
N CYS A 197 -16.67 -2.40 1.93
CA CYS A 197 -17.43 -1.54 2.83
C CYS A 197 -17.67 -0.17 2.20
N PRO A 198 -18.91 0.35 2.27
CA PRO A 198 -19.23 1.62 1.58
C PRO A 198 -19.09 2.87 2.47
N GLU A 199 -18.57 2.69 3.67
CA GLU A 199 -18.42 3.78 4.63
C GLU A 199 -17.77 5.01 3.99
N TYR A 200 -18.31 6.18 4.33
CA TYR A 200 -17.80 7.48 3.86
C TYR A 200 -18.06 7.75 2.38
N GLY A 201 -18.65 6.78 1.68
CA GLY A 201 -18.70 6.88 0.23
C GLY A 201 -17.39 6.47 -0.42
N GLN A 202 -16.55 5.74 0.32
CA GLN A 202 -15.20 5.43 -0.16
C GLN A 202 -15.17 4.55 -1.40
N LEU A 203 -16.27 3.87 -1.72
CA LEU A 203 -16.29 3.05 -2.93
C LEU A 203 -16.51 3.88 -4.20
N GLY A 204 -16.97 5.11 -4.04
CA GLY A 204 -17.11 6.02 -5.16
C GLY A 204 -18.38 5.85 -5.97
N HIS A 205 -19.49 5.47 -5.33
CA HIS A 205 -20.77 5.33 -6.03
C HIS A 205 -21.83 6.29 -5.50
N ASN A 206 -21.39 7.38 -4.88
CA ASN A 206 -22.30 8.40 -4.36
C ASN A 206 -23.26 7.87 -3.29
N SER A 207 -22.79 6.99 -2.42
CA SER A 207 -23.60 6.48 -1.33
C SER A 207 -22.70 5.93 -0.23
N ASP A 208 -23.10 6.12 1.02
CA ASP A 208 -22.35 5.52 2.12
C ASP A 208 -22.93 4.16 2.55
N GLY A 209 -24.04 3.77 1.93
CA GLY A 209 -24.66 2.47 2.17
C GLY A 209 -25.10 2.20 3.60
N LYS A 210 -25.16 3.24 4.43
CA LYS A 210 -25.44 3.07 5.85
C LYS A 210 -26.93 2.97 6.11
N PHE A 211 -27.30 2.10 7.05
CA PHE A 211 -28.70 1.94 7.45
C PHE A 211 -28.79 1.59 8.93
N ILE A 218 -25.71 0.02 13.59
CA ILE A 218 -25.40 0.60 12.28
C ILE A 218 -24.94 -0.49 11.30
N GLU A 219 -25.61 -0.56 10.15
CA GLU A 219 -25.36 -1.61 9.16
C GLU A 219 -24.90 -0.99 7.85
N TYR A 220 -24.15 -1.75 7.05
CA TYR A 220 -23.74 -1.30 5.73
C TYR A 220 -24.22 -2.21 4.62
N ASP A 221 -24.78 -1.60 3.57
CA ASP A 221 -25.11 -2.31 2.35
C ASP A 221 -23.82 -2.41 1.53
N CYS A 222 -23.09 -3.50 1.72
CA CYS A 222 -21.78 -3.65 1.11
C CYS A 222 -21.86 -4.05 -0.36
N GLU A 223 -20.83 -3.68 -1.14
CA GLU A 223 -20.73 -4.12 -2.52
C GLU A 223 -19.96 -5.43 -2.55
N LEU A 224 -20.64 -6.53 -2.87
CA LEU A 224 -20.07 -7.85 -2.68
C LEU A 224 -19.30 -8.36 -3.89
N VAL A 225 -19.45 -7.68 -5.02
CA VAL A 225 -18.69 -7.97 -6.24
C VAL A 225 -18.21 -6.62 -6.79
N PRO A 226 -17.24 -6.64 -7.71
CA PRO A 226 -16.77 -5.36 -8.24
C PRO A 226 -17.86 -4.56 -8.96
N ARG A 227 -18.02 -3.30 -8.54
CA ARG A 227 -18.99 -2.39 -9.13
C ARG A 227 -18.25 -1.25 -9.81
N ARG A 228 -18.60 -0.96 -11.05
CA ARG A 228 -17.98 0.10 -11.85
C ARG A 228 -18.12 1.43 -11.15
N VAL A 229 -17.00 2.17 -11.09
CA VAL A 229 -17.02 3.55 -10.62
C VAL A 229 -17.41 4.38 -11.86
N ALA A 230 -18.67 4.80 -11.90
CA ALA A 230 -19.24 5.32 -13.14
C ALA A 230 -18.96 6.78 -13.44
N ILE A 231 -18.76 7.57 -12.39
CA ILE A 231 -18.71 9.02 -12.54
C ILE A 231 -17.52 9.61 -11.79
N PHE A 232 -16.84 10.52 -12.47
CA PHE A 232 -15.77 11.35 -11.91
C PHE A 232 -16.21 12.79 -12.06
N ILE A 233 -15.99 13.62 -11.05
CA ILE A 233 -16.48 14.99 -11.09
C ILE A 233 -15.38 16.00 -10.77
N GLU A 234 -15.66 17.25 -11.07
CA GLU A 234 -14.88 18.38 -10.59
C GLU A 234 -15.85 19.37 -9.98
N LYS A 235 -15.38 20.20 -9.05
CA LYS A 235 -16.18 21.28 -8.51
C LYS A 235 -15.59 22.60 -9.00
N THR A 236 -16.45 23.49 -9.51
CA THR A 236 -15.98 24.77 -10.02
C THR A 236 -15.83 25.74 -8.87
N LYS A 237 -15.20 26.88 -9.14
CA LYS A 237 -14.99 27.90 -8.13
C LYS A 237 -16.32 28.42 -7.56
N ASP A 238 -17.38 28.33 -8.36
CA ASP A 238 -18.72 28.73 -7.94
C ASP A 238 -19.47 27.66 -7.18
N GLY A 239 -18.92 26.46 -7.12
CA GLY A 239 -19.55 25.38 -6.39
C GLY A 239 -20.35 24.41 -7.26
N GLN A 240 -20.26 24.58 -8.58
CA GLN A 240 -20.96 23.70 -9.49
C GLN A 240 -20.25 22.35 -9.60
N ILE A 241 -21.00 21.26 -9.51
CA ILE A 241 -20.46 19.93 -9.70
C ILE A 241 -20.65 19.47 -11.13
N LEU A 242 -19.55 19.18 -11.82
CA LEU A 242 -19.58 18.82 -13.24
C LEU A 242 -18.92 17.46 -13.46
N PRO A 243 -19.53 16.58 -14.27
CA PRO A 243 -18.83 15.35 -14.61
C PRO A 243 -17.59 15.64 -15.45
N VAL A 244 -16.55 14.84 -15.27
CA VAL A 244 -15.38 14.84 -16.13
C VAL A 244 -15.49 13.57 -16.97
N PRO A 245 -15.77 13.73 -18.27
CA PRO A 245 -16.16 12.55 -19.07
C PRO A 245 -14.98 11.70 -19.51
N ASN A 246 -15.23 10.41 -19.68
CA ASN A 246 -14.27 9.48 -20.29
C ASN A 246 -12.94 9.40 -19.56
N VAL A 247 -12.98 9.40 -18.23
CA VAL A 247 -11.75 9.30 -17.46
C VAL A 247 -11.17 7.90 -17.68
N VAL A 248 -9.91 7.86 -18.06
CA VAL A 248 -9.20 6.61 -18.27
C VAL A 248 -8.16 6.45 -17.16
N VAL A 249 -8.44 5.57 -16.22
CA VAL A 249 -7.58 5.43 -15.06
C VAL A 249 -6.30 4.71 -15.45
N ARG A 250 -5.18 5.16 -14.89
CA ARG A 250 -3.87 4.55 -15.13
C ARG A 250 -3.23 3.98 -13.87
N ASP A 251 -3.57 4.54 -12.71
CA ASP A 251 -3.09 3.98 -11.45
C ASP A 251 -4.07 4.33 -10.34
N VAL A 252 -4.00 3.56 -9.25
CA VAL A 252 -4.91 3.73 -8.12
C VAL A 252 -4.14 3.38 -6.85
N ALA A 253 -4.38 4.14 -5.78
CA ALA A 253 -3.74 3.90 -4.48
C ALA A 253 -4.73 4.22 -3.38
N CYS A 254 -4.67 3.47 -2.29
CA CYS A 254 -5.64 3.66 -1.20
C CYS A 254 -4.97 3.78 0.15
N GLY A 255 -5.56 4.62 1.00
CA GLY A 255 -5.28 4.59 2.42
C GLY A 255 -6.43 3.87 3.13
N ALA A 256 -6.56 4.05 4.43
CA ALA A 256 -7.59 3.35 5.19
C ALA A 256 -8.99 3.57 4.64
N ASN A 257 -9.30 4.83 4.33
CA ASN A 257 -10.65 5.21 3.97
C ASN A 257 -10.64 6.24 2.86
N HIS A 258 -9.64 6.19 1.98
CA HIS A 258 -9.64 7.07 0.82
C HIS A 258 -8.89 6.45 -0.32
N THR A 259 -9.11 7.01 -1.50
CA THR A 259 -8.52 6.51 -2.74
C THR A 259 -8.04 7.68 -3.58
N LEU A 260 -6.90 7.47 -4.23
CA LEU A 260 -6.39 8.38 -5.25
C LEU A 260 -6.33 7.62 -6.57
N VAL A 261 -6.66 8.33 -7.63
CA VAL A 261 -6.50 7.85 -9.01
C VAL A 261 -5.63 8.82 -9.79
N LEU A 262 -4.83 8.26 -10.69
CA LEU A 262 -4.08 9.01 -11.70
C LEU A 262 -4.64 8.57 -13.04
N ASP A 263 -5.04 9.53 -13.90
CA ASP A 263 -5.61 9.17 -15.19
C ASP A 263 -4.65 9.42 -16.36
N SER A 264 -5.12 9.14 -17.56
CA SER A 264 -4.29 9.20 -18.77
C SER A 264 -3.94 10.63 -19.17
N GLN A 265 -4.64 11.60 -18.59
CA GLN A 265 -4.34 13.01 -18.81
C GLN A 265 -3.49 13.60 -17.68
N LYS A 266 -2.96 12.73 -16.82
CA LYS A 266 -2.08 13.09 -15.70
C LYS A 266 -2.83 13.82 -14.58
N ARG A 267 -4.15 13.68 -14.59
CA ARG A 267 -4.98 14.27 -13.54
C ARG A 267 -5.08 13.33 -12.35
N VAL A 268 -5.23 13.93 -11.17
CA VAL A 268 -5.45 13.17 -9.94
C VAL A 268 -6.88 13.38 -9.47
N PHE A 269 -7.54 12.29 -9.06
CA PHE A 269 -8.84 12.37 -8.40
C PHE A 269 -8.73 11.71 -7.04
N SER A 270 -9.53 12.16 -6.10
CA SER A 270 -9.54 11.57 -4.76
C SER A 270 -10.95 11.51 -4.22
N TRP A 271 -11.21 10.55 -3.34
CA TRP A 271 -12.52 10.47 -2.69
C TRP A 271 -12.45 9.56 -1.48
N GLY A 272 -13.52 9.66 -0.69
CA GLY A 272 -13.65 8.91 0.55
C GLY A 272 -13.78 9.85 1.73
N PHE A 273 -13.21 9.45 2.85
CA PHE A 273 -13.26 10.23 4.10
C PHE A 273 -12.37 11.46 3.93
N GLY A 274 -12.91 12.64 4.21
CA GLY A 274 -12.16 13.88 4.03
C GLY A 274 -11.37 14.32 5.25
N GLY A 275 -11.58 13.62 6.37
CA GLY A 275 -10.91 14.01 7.60
C GLY A 275 -9.41 14.15 7.46
N TYR A 276 -8.86 15.16 8.11
CA TYR A 276 -7.41 15.46 8.08
C TYR A 276 -6.90 15.95 6.73
N GLY A 277 -7.78 16.20 5.78
CA GLY A 277 -7.33 16.78 4.52
C GLY A 277 -6.80 15.79 3.50
N ARG A 278 -6.99 14.50 3.75
CA ARG A 278 -6.39 13.48 2.89
C ARG A 278 -6.86 13.51 1.44
N LEU A 279 -8.01 14.14 1.16
CA LEU A 279 -8.48 14.26 -0.23
C LEU A 279 -7.87 15.45 -0.96
N GLY A 280 -7.42 16.46 -0.22
CA GLY A 280 -6.66 17.55 -0.84
C GLY A 280 -7.44 18.67 -1.47
N HIS A 281 -8.74 18.80 -1.20
CA HIS A 281 -9.57 19.80 -1.88
C HIS A 281 -9.73 21.12 -1.10
N ALA A 282 -8.75 21.43 -0.25
CA ALA A 282 -8.75 22.69 0.50
C ALA A 282 -9.98 22.82 1.40
N GLU A 283 -10.38 21.67 1.96
CA GLU A 283 -11.48 21.56 2.91
C GLU A 283 -11.45 20.13 3.42
N GLN A 284 -12.33 19.81 4.37
CA GLN A 284 -12.29 18.47 4.97
C GLN A 284 -13.49 17.59 4.70
N LYS A 285 -14.44 18.03 3.89
CA LYS A 285 -15.65 17.23 3.67
C LYS A 285 -15.36 15.91 2.95
N ASP A 286 -16.20 14.92 3.21
CA ASP A 286 -16.12 13.68 2.47
C ASP A 286 -16.47 13.90 0.99
N GLU A 287 -15.98 13.01 0.14
CA GLU A 287 -16.37 13.00 -1.28
C GLU A 287 -16.81 11.59 -1.58
N MET A 288 -18.06 11.43 -1.98
CA MET A 288 -18.58 10.09 -2.25
C MET A 288 -18.48 9.67 -3.72
N VAL A 289 -17.96 10.59 -4.53
CA VAL A 289 -17.68 10.39 -5.96
C VAL A 289 -16.26 10.91 -6.21
N PRO A 290 -15.46 10.22 -7.03
CA PRO A 290 -14.12 10.76 -7.34
C PRO A 290 -14.15 12.23 -7.73
N ARG A 291 -13.31 13.03 -7.09
CA ARG A 291 -13.27 14.46 -7.31
C ARG A 291 -11.88 14.90 -7.75
N LEU A 292 -11.85 15.71 -8.80
CA LEU A 292 -10.62 16.26 -9.34
C LEU A 292 -9.83 17.07 -8.32
N VAL A 293 -8.55 16.72 -8.15
CA VAL A 293 -7.63 17.51 -7.32
C VAL A 293 -7.07 18.61 -8.20
N LYS A 294 -7.58 19.82 -8.02
CA LYS A 294 -7.42 20.93 -8.95
C LYS A 294 -5.99 21.20 -9.40
N LEU A 295 -5.04 21.15 -8.47
CA LEU A 295 -3.66 21.54 -8.77
C LEU A 295 -3.09 20.77 -9.96
N PHE A 296 -3.47 19.49 -10.08
CA PHE A 296 -2.86 18.61 -11.06
C PHE A 296 -3.58 18.61 -12.40
N ASP A 297 -4.53 19.53 -12.54
CA ASP A 297 -5.29 19.72 -13.78
C ASP A 297 -4.71 20.83 -14.66
N PHE A 298 -3.59 21.42 -14.26
CA PHE A 298 -2.98 22.47 -15.08
C PHE A 298 -1.96 21.92 -16.08
N PRO A 299 -1.87 22.54 -17.28
CA PRO A 299 -0.95 22.07 -18.31
C PRO A 299 0.50 22.00 -17.83
N GLY A 300 1.13 20.85 -17.97
CA GLY A 300 2.50 20.64 -17.52
C GLY A 300 2.64 20.51 -16.01
N ARG A 301 1.51 20.50 -15.31
CA ARG A 301 1.50 20.45 -13.84
C ARG A 301 0.74 19.23 -13.35
N GLY A 302 0.56 18.25 -14.24
CA GLY A 302 -0.07 17.01 -13.85
C GLY A 302 0.85 16.16 -13.00
N ALA A 303 0.39 14.96 -12.67
CA ALA A 303 1.17 14.04 -11.86
C ALA A 303 1.69 12.86 -12.67
N SER A 304 2.85 12.35 -12.26
CA SER A 304 3.44 11.15 -12.84
CA SER A 304 3.43 11.15 -12.84
C SER A 304 3.37 9.93 -11.92
N GLN A 305 3.23 10.16 -10.60
CA GLN A 305 3.14 9.08 -9.61
C GLN A 305 2.18 9.50 -8.51
N ILE A 306 1.46 8.53 -7.95
CA ILE A 306 0.62 8.76 -6.76
C ILE A 306 0.93 7.72 -5.70
N TYR A 307 0.80 8.10 -4.42
CA TYR A 307 0.98 7.18 -3.31
C TYR A 307 0.00 7.55 -2.21
N ALA A 308 -0.32 6.59 -1.35
CA ALA A 308 -1.20 6.87 -0.22
C ALA A 308 -0.62 6.32 1.06
N GLY A 309 -0.83 7.03 2.15
CA GLY A 309 -0.56 6.51 3.48
C GLY A 309 -1.86 6.35 4.25
N TYR A 310 -1.76 6.03 5.54
CA TYR A 310 -2.95 5.64 6.31
C TYR A 310 -4.04 6.71 6.25
N THR A 311 -3.64 7.96 6.50
CA THR A 311 -4.53 9.12 6.42
C THR A 311 -3.87 10.26 5.64
N CYS A 312 -3.13 9.93 4.57
CA CYS A 312 -2.48 10.96 3.80
C CYS A 312 -2.25 10.51 2.36
N SER A 313 -1.74 11.44 1.58
CA SER A 313 -1.66 11.32 0.13
C SER A 313 -0.42 11.99 -0.41
N PHE A 314 0.06 11.47 -1.53
CA PHE A 314 1.23 12.01 -2.20
C PHE A 314 1.05 11.98 -3.71
N ALA A 315 1.68 12.94 -4.39
CA ALA A 315 1.80 12.89 -5.84
C ALA A 315 3.17 13.43 -6.21
N VAL A 316 3.78 12.83 -7.22
CA VAL A 316 4.98 13.39 -7.84
C VAL A 316 4.52 14.05 -9.13
N SER A 317 4.87 15.32 -9.32
CA SER A 317 4.42 16.04 -10.51
C SER A 317 5.18 15.60 -11.74
N GLU A 318 4.70 16.06 -12.90
CA GLU A 318 5.36 15.80 -14.17
C GLU A 318 6.84 16.15 -14.16
N VAL A 319 7.18 17.25 -13.49
CA VAL A 319 8.56 17.71 -13.48
C VAL A 319 9.31 17.14 -12.29
N GLY A 320 8.64 16.30 -11.50
CA GLY A 320 9.33 15.49 -10.50
C GLY A 320 9.23 15.95 -9.07
N GLY A 321 8.47 17.01 -8.79
CA GLY A 321 8.35 17.50 -7.42
C GLY A 321 7.39 16.67 -6.59
N LEU A 322 7.71 16.42 -5.32
CA LEU A 322 6.85 15.66 -4.43
C LEU A 322 5.88 16.58 -3.72
N PHE A 323 4.62 16.18 -3.70
CA PHE A 323 3.55 16.87 -2.98
C PHE A 323 2.91 15.96 -1.97
N PHE A 324 2.51 16.53 -0.85
CA PHE A 324 1.90 15.80 0.25
C PHE A 324 0.64 16.51 0.69
N TRP A 325 -0.36 15.72 1.12
CA TRP A 325 -1.48 16.29 1.82
C TRP A 325 -2.09 15.26 2.76
N GLY A 326 -2.94 15.73 3.66
CA GLY A 326 -3.45 14.88 4.72
C GLY A 326 -2.65 15.00 6.01
N ALA A 327 -2.57 13.91 6.76
CA ALA A 327 -1.86 13.94 8.04
C ALA A 327 -1.03 12.70 8.23
N THR A 328 0.24 12.89 8.56
CA THR A 328 1.07 11.81 9.11
C THR A 328 0.93 11.78 10.63
N ASN A 329 0.56 12.90 11.23
CA ASN A 329 0.40 12.99 12.67
C ASN A 329 -0.97 13.56 13.02
N THR A 330 -1.94 12.67 13.09
CA THR A 330 -3.33 13.05 13.34
C THR A 330 -3.53 13.65 14.72
N SER A 331 -2.57 13.43 15.60
CA SER A 331 -2.65 13.99 16.95
CA SER A 331 -2.63 13.99 16.96
C SER A 331 -2.25 15.46 16.96
N ARG A 332 -1.66 15.95 15.86
CA ARG A 332 -1.13 17.29 15.88
C ARG A 332 -1.57 18.22 14.77
N GLU A 333 -1.44 17.79 13.52
CA GLU A 333 -1.70 18.73 12.44
C GLU A 333 -2.13 18.05 11.17
N SER A 334 -2.77 18.82 10.30
CA SER A 334 -3.14 18.29 9.00
CA SER A 334 -3.27 18.32 9.02
C SER A 334 -3.01 19.34 7.93
N THR A 335 -2.84 18.85 6.70
CA THR A 335 -2.61 19.66 5.52
C THR A 335 -3.76 19.43 4.54
N MET A 336 -4.46 20.49 4.15
CA MET A 336 -5.71 20.36 3.41
C MET A 336 -5.59 20.47 1.88
N TYR A 337 -4.38 20.72 1.40
CA TYR A 337 -4.16 21.07 -0.01
C TYR A 337 -2.77 20.56 -0.34
N PRO A 338 -2.54 20.10 -1.58
CA PRO A 338 -1.22 19.53 -1.89
C PRO A 338 -0.08 20.52 -1.67
N LYS A 339 0.91 20.12 -0.89
CA LYS A 339 1.98 21.02 -0.46
C LYS A 339 3.31 20.40 -0.87
N ALA A 340 4.16 21.20 -1.50
CA ALA A 340 5.45 20.71 -1.95
C ALA A 340 6.33 20.31 -0.79
N VAL A 341 7.02 19.19 -0.92
CA VAL A 341 7.97 18.76 0.08
C VAL A 341 9.34 19.34 -0.32
N GLN A 342 9.62 20.56 0.15
CA GLN A 342 10.81 21.30 -0.30
C GLN A 342 12.13 20.65 0.06
N ASP A 343 12.15 19.83 1.10
CA ASP A 343 13.38 19.16 1.48
C ASP A 343 13.88 18.17 0.43
N LEU A 344 12.99 17.78 -0.49
CA LEU A 344 13.39 16.87 -1.57
C LEU A 344 13.51 17.59 -2.91
N CYS A 345 13.60 18.90 -2.86
CA CYS A 345 13.80 19.70 -4.07
C CYS A 345 14.95 19.17 -4.93
N GLY A 346 14.64 18.83 -6.18
CA GLY A 346 15.64 18.39 -7.12
C GLY A 346 15.94 16.90 -7.09
N TRP A 347 15.43 16.19 -6.08
CA TRP A 347 15.67 14.76 -5.97
C TRP A 347 14.72 14.00 -6.91
N ARG A 348 15.22 12.97 -7.58
CA ARG A 348 14.41 12.12 -8.44
C ARG A 348 13.80 10.98 -7.61
N ILE A 349 12.49 11.03 -7.43
CA ILE A 349 11.75 10.08 -6.61
C ILE A 349 11.43 8.82 -7.41
N ARG A 350 11.84 7.69 -6.85
CA ARG A 350 11.66 6.39 -7.50
CA ARG A 350 11.71 6.38 -7.46
C ARG A 350 10.56 5.54 -6.85
N SER A 351 10.44 5.63 -5.53
CA SER A 351 9.49 4.79 -4.81
C SER A 351 9.23 5.47 -3.49
N LEU A 352 8.02 5.34 -2.96
CA LEU A 352 7.64 5.99 -1.71
C LEU A 352 6.63 5.13 -0.99
N ALA A 353 6.68 5.10 0.33
CA ALA A 353 5.64 4.45 1.10
C ALA A 353 5.40 5.21 2.39
N CYS A 354 4.23 5.01 2.96
CA CYS A 354 3.86 5.59 4.24
C CYS A 354 2.97 4.61 5.00
N GLY A 355 3.19 4.51 6.29
CA GLY A 355 2.37 3.67 7.16
C GLY A 355 1.36 4.51 7.89
N LYS A 356 1.22 4.27 9.18
CA LYS A 356 0.35 5.13 9.98
C LYS A 356 0.86 6.55 9.92
N SER A 357 2.16 6.72 10.08
CA SER A 357 2.75 8.02 10.23
C SER A 357 4.13 8.19 9.59
N SER A 358 4.91 7.13 9.51
CA SER A 358 6.27 7.20 8.93
C SER A 358 6.25 7.14 7.41
N ILE A 359 7.18 7.88 6.82
CA ILE A 359 7.40 7.92 5.38
C ILE A 359 8.80 7.41 5.03
N ILE A 360 8.89 6.60 4.00
CA ILE A 360 10.18 6.17 3.46
C ILE A 360 10.16 6.42 1.95
N VAL A 361 11.30 6.87 1.43
CA VAL A 361 11.43 7.24 0.03
C VAL A 361 12.74 6.73 -0.55
N ALA A 362 12.67 6.16 -1.74
CA ALA A 362 13.88 5.86 -2.50
C ALA A 362 13.99 6.98 -3.52
N ALA A 363 15.06 7.77 -3.41
CA ALA A 363 15.23 8.95 -4.24
C ALA A 363 16.72 9.11 -4.53
N ASP A 364 17.05 9.50 -5.76
CA ASP A 364 18.43 9.51 -6.23
C ASP A 364 19.10 8.21 -5.78
N GLU A 365 20.24 8.28 -5.10
CA GLU A 365 20.94 7.07 -4.69
C GLU A 365 20.79 6.80 -3.20
N SER A 366 19.74 7.35 -2.61
CA SER A 366 19.56 7.25 -1.17
C SER A 366 18.22 6.63 -0.80
N THR A 367 18.10 6.30 0.47
CA THR A 367 16.84 5.98 1.11
C THR A 367 16.66 7.03 2.20
N ILE A 368 15.48 7.63 2.23
CA ILE A 368 15.19 8.77 3.07
C ILE A 368 13.96 8.41 3.89
N SER A 369 13.95 8.78 5.17
CA SER A 369 12.77 8.50 5.97
C SER A 369 12.57 9.56 7.04
N TRP A 370 11.34 9.69 7.52
CA TRP A 370 11.03 10.57 8.62
C TRP A 370 9.65 10.29 9.17
N GLY A 371 9.42 10.71 10.40
CA GLY A 371 8.12 10.58 11.02
C GLY A 371 8.16 10.81 12.52
N PRO A 372 6.99 11.11 13.11
CA PRO A 372 6.89 11.41 14.54
C PRO A 372 6.89 10.15 15.38
N SER A 373 7.18 10.33 16.67
CA SER A 373 6.99 9.25 17.63
CA SER A 373 7.00 9.27 17.65
C SER A 373 5.51 9.00 17.86
N PRO A 374 5.12 7.74 18.12
CA PRO A 374 5.96 6.55 18.25
C PRO A 374 6.35 5.94 16.92
N THR A 375 7.58 5.43 16.86
CA THR A 375 8.03 4.55 15.79
C THR A 375 8.51 3.25 16.41
N PHE A 376 8.85 2.30 15.55
CA PHE A 376 9.11 0.94 15.98
C PHE A 376 10.29 0.37 15.22
N GLY A 377 11.01 1.25 14.53
CA GLY A 377 12.18 0.85 13.77
C GLY A 377 12.06 1.10 12.27
N GLU A 378 10.83 1.40 11.82
CA GLU A 378 10.53 1.50 10.40
C GLU A 378 11.25 2.68 9.70
N LEU A 379 11.81 3.61 10.47
CA LEU A 379 12.62 4.66 9.87
C LEU A 379 14.03 4.16 9.51
N GLY A 380 14.46 3.08 10.16
CA GLY A 380 15.71 2.41 9.79
C GLY A 380 16.99 3.02 10.33
N TYR A 381 16.89 3.91 11.30
CA TYR A 381 18.08 4.65 11.76
C TYR A 381 19.08 3.81 12.56
N GLY A 382 18.62 2.69 13.10
CA GLY A 382 19.49 1.76 13.81
C GLY A 382 19.42 1.84 15.32
N ASP A 383 20.06 0.87 15.97
CA ASP A 383 20.13 0.83 17.43
C ASP A 383 20.88 2.02 17.99
N HIS A 384 20.44 2.52 19.14
CA HIS A 384 21.08 3.62 19.84
C HIS A 384 21.07 4.92 19.05
N LYS A 385 20.18 5.02 18.06
CA LYS A 385 20.00 6.24 17.29
C LYS A 385 18.60 6.76 17.56
N PRO A 386 18.33 8.04 17.21
CA PRO A 386 16.99 8.55 17.47
C PRO A 386 15.89 7.69 16.83
N LYS A 387 14.75 7.63 17.49
CA LYS A 387 13.69 6.76 17.04
C LYS A 387 12.78 7.46 16.04
N SER A 388 12.76 8.79 16.10
CA SER A 388 11.89 9.62 15.24
C SER A 388 12.66 10.78 14.63
N SER A 389 12.05 11.45 13.67
CA SER A 389 12.61 12.67 13.10
C SER A 389 11.52 13.48 12.43
N THR A 390 11.45 14.77 12.77
CA THR A 390 10.45 15.65 12.21
C THR A 390 10.66 15.89 10.72
N ALA A 391 11.93 15.92 10.29
CA ALA A 391 12.26 16.19 8.89
C ALA A 391 13.03 15.04 8.26
N ALA A 392 13.06 15.03 6.93
CA ALA A 392 13.68 13.96 6.16
C ALA A 392 15.13 13.69 6.57
N GLN A 393 15.45 12.43 6.76
CA GLN A 393 16.81 12.01 7.09
C GLN A 393 17.27 10.94 6.14
N GLU A 394 18.53 11.00 5.73
CA GLU A 394 19.11 9.90 4.99
C GLU A 394 19.21 8.72 5.95
N VAL A 395 18.83 7.55 5.47
CA VAL A 395 18.90 6.34 6.26
C VAL A 395 20.29 5.77 6.12
N LYS A 396 21.16 6.10 7.08
CA LYS A 396 22.59 5.85 6.94
C LYS A 396 22.96 4.38 7.08
N THR A 397 22.09 3.61 7.70
CA THR A 397 22.30 2.18 7.77
C THR A 397 22.25 1.54 6.39
N LEU A 398 21.68 2.25 5.42
CA LEU A 398 21.62 1.76 4.05
C LEU A 398 22.64 2.47 3.16
N ASP A 399 23.65 3.07 3.79
CA ASP A 399 24.78 3.60 3.05
C ASP A 399 25.38 2.52 2.15
N GLY A 400 25.55 2.86 0.87
CA GLY A 400 26.14 1.94 -0.09
C GLY A 400 25.18 0.89 -0.61
N ILE A 401 23.93 0.97 -0.15
CA ILE A 401 22.89 0.04 -0.58
C ILE A 401 21.82 0.81 -1.34
N PHE A 402 21.47 0.33 -2.52
CA PHE A 402 20.50 1.00 -3.39
C PHE A 402 19.13 0.35 -3.23
N SER A 403 18.18 1.14 -2.75
CA SER A 403 16.80 0.64 -2.63
C SER A 403 16.06 0.78 -3.94
N GLU A 404 15.64 -0.35 -4.51
CA GLU A 404 14.92 -0.34 -5.77
C GLU A 404 13.44 -0.06 -5.61
N GLN A 405 12.88 -0.47 -4.48
CA GLN A 405 11.47 -0.31 -4.19
C GLN A 405 11.34 -0.31 -2.69
N VAL A 406 10.38 0.47 -2.19
CA VAL A 406 10.09 0.49 -0.76
C VAL A 406 8.60 0.24 -0.56
N ALA A 407 8.27 -0.31 0.62
CA ALA A 407 6.89 -0.57 1.02
C ALA A 407 6.76 -0.39 2.52
N MET A 408 5.56 -0.08 3.00
CA MET A 408 5.30 0.00 4.44
C MET A 408 3.99 -0.62 4.83
N GLY A 409 4.03 -1.32 5.95
CA GLY A 409 2.83 -1.63 6.70
C GLY A 409 2.57 -0.50 7.68
N TYR A 410 1.56 -0.69 8.52
CA TYR A 410 1.21 0.28 9.54
C TYR A 410 2.43 0.68 10.40
N SER A 411 3.29 -0.30 10.75
CA SER A 411 4.44 -0.07 11.63
C SER A 411 5.73 -0.72 11.16
N HIS A 412 5.86 -1.06 9.88
CA HIS A 412 7.10 -1.66 9.42
C HIS A 412 7.43 -1.29 7.98
N SER A 413 8.68 -1.49 7.60
CA SER A 413 9.20 -1.14 6.27
C SER A 413 9.79 -2.37 5.59
N LEU A 414 9.63 -2.42 4.27
CA LEU A 414 10.25 -3.43 3.43
C LEU A 414 10.97 -2.71 2.32
N VAL A 415 12.17 -3.17 1.96
CA VAL A 415 12.86 -2.62 0.80
C VAL A 415 13.47 -3.73 -0.03
N ILE A 416 13.61 -3.49 -1.32
CA ILE A 416 14.43 -4.36 -2.17
C ILE A 416 15.79 -3.71 -2.34
N ALA A 417 16.82 -4.39 -1.84
CA ALA A 417 18.20 -3.91 -1.94
C ALA A 417 18.85 -4.51 -3.17
N ARG A 418 19.33 -3.66 -4.08
CA ARG A 418 20.04 -4.11 -5.26
C ARG A 418 21.31 -4.86 -4.87
N ASP A 419 21.53 -6.02 -5.47
CA ASP A 419 22.71 -6.82 -5.14
C ASP A 419 23.44 -7.35 -6.38
N GLU A 420 23.69 -6.45 -7.33
CA GLU A 420 24.34 -6.85 -8.58
C GLU A 420 25.85 -6.97 -8.45
N SER A 421 26.47 -6.03 -7.75
CA SER A 421 27.93 -6.01 -7.63
C SER A 421 28.42 -6.72 -6.38
N GLU A 422 29.70 -7.09 -6.36
CA GLU A 422 30.30 -7.73 -5.21
C GLU A 422 30.30 -6.79 -4.01
N THR A 423 30.60 -5.52 -4.28
CA THR A 423 30.58 -4.48 -3.25
C THR A 423 29.21 -4.42 -2.58
N GLU A 424 28.16 -4.39 -3.40
CA GLU A 424 26.78 -4.39 -2.90
C GLU A 424 26.45 -5.64 -2.09
N LYS A 425 26.79 -6.81 -2.64
CA LYS A 425 26.53 -8.07 -1.94
C LYS A 425 27.20 -8.11 -0.58
N GLU A 426 28.43 -7.62 -0.50
CA GLU A 426 29.13 -7.59 0.78
C GLU A 426 28.48 -6.64 1.77
N LYS A 427 28.06 -5.47 1.30
CA LYS A 427 27.37 -4.51 2.16
C LYS A 427 26.08 -5.11 2.74
N ILE A 428 25.34 -5.81 1.89
CA ILE A 428 24.07 -6.41 2.30
C ILE A 428 24.31 -7.57 3.28
N LYS A 429 25.36 -8.36 3.03
CA LYS A 429 25.75 -9.43 3.94
C LYS A 429 26.07 -8.96 5.36
N LYS A 430 26.60 -7.75 5.49
CA LYS A 430 26.95 -7.18 6.80
C LYS A 430 25.73 -6.88 7.66
N LEU A 431 24.59 -6.66 7.02
CA LEU A 431 23.35 -6.41 7.75
C LEU A 431 22.98 -7.63 8.55
N PRO A 432 22.43 -7.43 9.75
CA PRO A 432 22.05 -8.57 10.60
C PRO A 432 20.98 -9.44 9.95
N GLU A 433 21.01 -10.72 10.27
CA GLU A 433 20.05 -11.68 9.75
C GLU A 433 19.01 -12.00 10.83
N TYR A 434 17.73 -11.91 10.46
CA TYR A 434 16.64 -12.17 11.39
C TYR A 434 16.10 -13.56 11.14
N ASN A 435 16.12 -14.37 12.19
CA ASN A 435 15.59 -15.72 12.17
C ASN A 435 14.68 -15.88 13.37
N PRO A 436 13.46 -15.30 13.29
CA PRO A 436 12.57 -15.19 14.44
C PRO A 436 12.23 -16.54 15.04
N ARG A 437 12.17 -16.60 16.37
CA ARG A 437 11.73 -17.79 17.08
C ARG A 437 10.34 -18.17 16.58
N THR A 438 10.14 -19.46 16.35
CA THR A 438 8.93 -19.93 15.68
C THR A 438 7.84 -20.43 16.65
N LEU A 439 6.61 -20.02 16.35
CA LEU A 439 5.40 -20.49 17.03
C LEU A 439 5.50 -20.60 18.55
S SO4 B . 5.81 -12.28 30.37
O1 SO4 B . 6.29 -12.39 31.75
O2 SO4 B . 6.39 -13.37 29.58
O3 SO4 B . 4.36 -12.35 30.34
O4 SO4 B . 6.26 -11.01 29.79
S SO4 C . 12.21 -2.19 21.98
O1 SO4 C . 12.73 -1.82 23.29
O2 SO4 C . 11.28 -3.30 22.11
O3 SO4 C . 13.32 -2.58 21.11
O4 SO4 C . 11.50 -1.05 21.40
S SO4 D . -7.38 -22.20 12.06
O1 SO4 D . -7.79 -22.65 13.38
O2 SO4 D . -7.51 -23.30 11.10
O3 SO4 D . -8.25 -21.10 11.63
O4 SO4 D . -5.98 -21.77 12.11
S SO4 E . 4.99 15.32 5.56
O1 SO4 E . 4.30 14.09 5.29
O2 SO4 E . 6.01 15.25 6.62
O3 SO4 E . 5.47 15.97 4.33
O4 SO4 E . 4.04 16.24 6.20
S SO4 F . -22.88 -4.65 -9.81
O1 SO4 F . -22.81 -6.12 -10.02
O2 SO4 F . -22.66 -4.27 -8.41
O3 SO4 F . -21.84 -4.01 -10.63
O4 SO4 F . -24.24 -4.17 -10.21
#